data_9GN4
#
_entry.id   9GN4
#
_cell.length_a   150.134
_cell.length_b   150.134
_cell.length_c   150.134
_cell.angle_alpha   90.00
_cell.angle_beta   90.00
_cell.angle_gamma   90.00
#
_symmetry.space_group_name_H-M   'I 21 3'
#
loop_
_entity.id
_entity.type
_entity.pdbx_description
1 polymer 'Nucleoside deoxyribosyltransferase'
2 non-polymer 4-AMINO-1-BETA-D-RIBOFURANOSYL-2(1H)-PYRIMIDINONE
3 water water
#
_entity_poly.entity_id   1
_entity_poly.type   'polypeptide(L)'
_entity_poly.pdbx_seq_one_letter_code
;MPKKTIFFGAGWFTDRQNKAYKEAMEALKENPTIDLENSYVPLDNQYKGIRVDEHPEYLHDKVWATATYNNNLNGIKTND
IMLGVYIPDEEDVGLGMELGYALSQGKYVLLVIPDEDYGKPINLMSWGVSDNVIKMSQLKDFNFNKPRFDFYEGAVY
;
_entity_poly.pdbx_strand_id   A,B
#
# COMPACT_ATOMS: atom_id res chain seq x y z
N MET A 1 27.45 14.81 -15.90
CA MET A 1 26.69 14.43 -14.67
C MET A 1 25.32 13.87 -15.06
N PRO A 2 25.11 12.53 -15.03
CA PRO A 2 23.79 11.96 -15.28
C PRO A 2 22.79 12.28 -14.18
N LYS A 3 21.53 12.44 -14.60
CA LYS A 3 20.43 12.81 -13.73
C LYS A 3 19.34 11.76 -13.93
N LYS A 4 18.64 11.42 -12.84
CA LYS A 4 17.50 10.54 -12.86
C LYS A 4 16.25 11.37 -12.53
N THR A 5 15.08 10.89 -12.98
CA THR A 5 13.80 11.43 -12.58
C THR A 5 13.19 10.53 -11.50
N ILE A 6 12.29 11.12 -10.70
CA ILE A 6 11.61 10.43 -9.62
C ILE A 6 10.10 10.64 -9.73
N PHE A 7 9.37 9.70 -9.12
CA PHE A 7 7.98 9.89 -8.75
C PHE A 7 7.96 10.34 -7.30
N PHE A 8 7.26 11.44 -7.03
CA PHE A 8 7.22 11.98 -5.67
C PHE A 8 6.08 11.34 -4.88
N GLY A 9 6.36 10.18 -4.27
CA GLY A 9 5.37 9.52 -3.42
C GLY A 9 5.32 10.17 -2.04
N ALA A 10 4.16 10.67 -1.66
CA ALA A 10 3.98 11.39 -0.40
C ALA A 10 2.51 11.67 -0.16
N GLY A 11 2.05 11.43 1.07
CA GLY A 11 0.78 11.96 1.54
C GLY A 11 0.80 13.47 1.78
N TRP A 12 -0.42 14.07 1.78
CA TRP A 12 -0.54 15.49 2.09
C TRP A 12 -1.75 15.75 2.99
N PHE A 13 -1.98 14.81 3.94
CA PHE A 13 -3.23 14.66 4.67
C PHE A 13 -3.11 14.95 6.17
N THR A 14 -1.90 15.30 6.65
CA THR A 14 -1.64 15.69 8.02
C THR A 14 -0.56 16.78 8.01
N ASP A 15 -0.35 17.45 9.15
CA ASP A 15 0.70 18.47 9.26
C ASP A 15 2.09 17.84 9.16
N ARG A 16 2.28 16.64 9.71
CA ARG A 16 3.59 16.04 9.62
C ARG A 16 3.86 15.53 8.20
N GLN A 17 2.83 15.10 7.48
CA GLN A 17 3.02 14.72 6.09
C GLN A 17 3.47 15.93 5.28
N ASN A 18 2.80 17.07 5.50
CA ASN A 18 3.00 18.24 4.68
C ASN A 18 4.37 18.83 4.98
N LYS A 19 4.81 18.74 6.22
CA LYS A 19 6.10 19.29 6.59
C LYS A 19 7.18 18.45 5.89
N ALA A 20 7.04 17.11 5.95
CA ALA A 20 7.97 16.20 5.29
C ALA A 20 7.99 16.38 3.78
N TYR A 21 6.79 16.58 3.20
CA TYR A 21 6.63 16.86 1.77
C TYR A 21 7.51 18.05 1.40
N LYS A 22 7.37 19.16 2.14
CA LYS A 22 8.04 20.42 1.78
C LYS A 22 9.55 20.22 1.88
N GLU A 23 9.99 19.54 2.93
CA GLU A 23 11.43 19.28 3.15
C GLU A 23 11.99 18.39 2.04
N ALA A 24 11.26 17.33 1.66
CA ALA A 24 11.78 16.44 0.65
C ALA A 24 11.92 17.17 -0.67
N MET A 25 10.93 18.00 -0.99
CA MET A 25 10.95 18.71 -2.26
C MET A 25 12.17 19.64 -2.31
N GLU A 26 12.46 20.35 -1.20
CA GLU A 26 13.62 21.24 -1.11
C GLU A 26 14.94 20.47 -1.28
N ALA A 27 15.06 19.29 -0.66
CA ALA A 27 16.22 18.44 -0.81
C ALA A 27 16.44 18.00 -2.27
N LEU A 28 15.35 17.64 -2.97
CA LEU A 28 15.45 17.21 -4.34
C LEU A 28 15.92 18.34 -5.24
N LYS A 29 15.51 19.58 -4.92
CA LYS A 29 15.91 20.75 -5.69
C LYS A 29 17.45 20.89 -5.65
N GLU A 30 18.08 20.47 -4.55
CA GLU A 30 19.50 20.64 -4.31
C GLU A 30 20.31 19.41 -4.72
N ASN A 31 19.66 18.31 -5.14
CA ASN A 31 20.40 17.09 -5.39
C ASN A 31 20.88 17.10 -6.84
N PRO A 32 22.21 17.12 -7.11
CA PRO A 32 22.70 17.22 -8.47
C PRO A 32 22.49 15.97 -9.33
N THR A 33 22.04 14.84 -8.74
CA THR A 33 21.71 13.66 -9.53
C THR A 33 20.20 13.55 -9.87
N ILE A 34 19.39 14.56 -9.53
CA ILE A 34 17.96 14.52 -9.80
C ILE A 34 17.61 15.63 -10.80
N ASP A 35 16.83 15.24 -11.82
CA ASP A 35 16.14 16.17 -12.71
C ASP A 35 14.71 16.35 -12.21
N LEU A 36 14.53 17.33 -11.33
CA LEU A 36 13.21 17.57 -10.72
C LEU A 36 12.21 18.14 -11.72
N GLU A 37 12.69 18.96 -12.66
CA GLU A 37 11.83 19.53 -13.67
C GLU A 37 11.03 18.44 -14.41
N ASN A 38 11.66 17.30 -14.76
CA ASN A 38 10.99 16.28 -15.55
C ASN A 38 10.47 15.13 -14.66
N SER A 39 10.42 15.38 -13.35
CA SER A 39 9.89 14.41 -12.41
C SER A 39 8.38 14.58 -12.31
N TYR A 40 7.70 13.56 -11.77
CA TYR A 40 6.26 13.54 -11.59
C TYR A 40 5.91 13.84 -10.14
N VAL A 41 5.17 14.94 -9.97
CA VAL A 41 4.62 15.34 -8.69
C VAL A 41 3.11 15.14 -8.72
N PRO A 42 2.56 14.15 -7.99
CA PRO A 42 1.13 13.86 -8.05
C PRO A 42 0.22 15.08 -7.87
N LEU A 43 0.57 15.98 -6.95
CA LEU A 43 -0.31 17.10 -6.63
C LEU A 43 -0.41 18.07 -7.81
N ASP A 44 0.54 18.07 -8.75
CA ASP A 44 0.47 18.88 -9.96
C ASP A 44 -0.10 18.10 -11.14
N ASN A 45 -0.57 16.89 -10.93
CA ASN A 45 -1.02 16.09 -12.06
C ASN A 45 -2.41 15.53 -11.79
N GLN A 46 -3.21 16.23 -10.96
CA GLN A 46 -4.57 15.80 -10.67
C GLN A 46 -5.36 16.10 -11.95
N TYR A 47 -6.34 15.24 -12.27
CA TYR A 47 -7.14 15.43 -13.46
C TYR A 47 -7.84 16.79 -13.45
N LYS A 48 -7.78 17.47 -14.59
CA LYS A 48 -8.37 18.79 -14.82
C LYS A 48 -7.74 19.83 -13.89
N GLY A 49 -6.58 19.53 -13.31
CA GLY A 49 -5.90 20.44 -12.43
C GLY A 49 -6.63 20.65 -11.10
N ILE A 50 -7.57 19.78 -10.73
CA ILE A 50 -8.41 20.00 -9.57
C ILE A 50 -8.13 18.97 -8.45
N ARG A 51 -7.99 19.51 -7.24
CA ARG A 51 -7.86 18.71 -6.03
C ARG A 51 -9.22 18.51 -5.38
N VAL A 52 -9.51 17.28 -4.97
CA VAL A 52 -10.82 16.90 -4.50
C VAL A 52 -11.14 17.59 -3.16
N ASP A 53 -10.12 17.96 -2.38
CA ASP A 53 -10.35 18.60 -1.10
C ASP A 53 -10.79 20.07 -1.34
N GLU A 54 -10.34 20.68 -2.44
CA GLU A 54 -10.73 22.04 -2.81
C GLU A 54 -12.01 22.06 -3.65
N HIS A 55 -12.39 20.92 -4.26
CA HIS A 55 -13.62 20.83 -5.04
C HIS A 55 -14.32 19.52 -4.76
N PRO A 56 -14.97 19.37 -3.59
CA PRO A 56 -15.61 18.13 -3.17
C PRO A 56 -16.75 17.60 -4.05
N GLU A 57 -17.18 18.39 -5.04
CA GLU A 57 -18.07 17.87 -6.07
C GLU A 57 -17.40 16.70 -6.80
N TYR A 58 -16.08 16.57 -6.74
CA TYR A 58 -15.39 15.50 -7.44
C TYR A 58 -15.21 14.24 -6.57
N LEU A 59 -15.78 14.19 -5.36
CA LEU A 59 -15.55 13.07 -4.44
C LEU A 59 -16.12 11.75 -4.99
N HIS A 60 -17.13 11.84 -5.88
CA HIS A 60 -17.76 10.66 -6.47
C HIS A 60 -17.64 10.68 -7.98
N ASP A 61 -16.84 11.61 -8.56
CA ASP A 61 -16.61 11.58 -10.00
C ASP A 61 -15.65 10.44 -10.40
N LYS A 62 -16.19 9.46 -11.12
CA LYS A 62 -15.45 8.25 -11.50
C LYS A 62 -14.44 8.52 -12.61
N VAL A 63 -14.70 9.55 -13.43
CA VAL A 63 -13.82 9.93 -14.52
C VAL A 63 -12.56 10.60 -13.97
N TRP A 64 -12.77 11.53 -13.02
CA TRP A 64 -11.68 12.22 -12.35
C TRP A 64 -10.77 11.19 -11.66
N ALA A 65 -11.39 10.23 -10.98
CA ALA A 65 -10.68 9.20 -10.25
C ALA A 65 -9.92 8.28 -11.21
N THR A 66 -10.57 7.87 -12.30
CA THR A 66 -9.92 6.96 -13.22
C THR A 66 -8.67 7.65 -13.76
N ALA A 67 -8.83 8.91 -14.22
CA ALA A 67 -7.74 9.66 -14.84
C ALA A 67 -6.62 9.95 -13.84
N THR A 68 -6.96 10.37 -12.63
CA THR A 68 -5.94 10.69 -11.64
C THR A 68 -5.19 9.40 -11.25
N TYR A 69 -5.94 8.28 -11.07
CA TYR A 69 -5.32 7.02 -10.73
C TYR A 69 -4.34 6.63 -11.84
N ASN A 70 -4.80 6.72 -13.07
CA ASN A 70 -4.00 6.29 -14.20
C ASN A 70 -2.80 7.20 -14.40
N ASN A 71 -2.95 8.50 -14.11
CA ASN A 71 -1.85 9.44 -14.28
C ASN A 71 -0.73 9.07 -13.30
N ASN A 72 -1.09 8.65 -12.07
CA ASN A 72 -0.13 8.26 -11.07
C ASN A 72 0.65 7.02 -11.52
N LEU A 73 -0.06 6.01 -12.05
CA LEU A 73 0.62 4.80 -12.50
C LEU A 73 1.62 5.16 -13.59
N ASN A 74 1.18 6.04 -14.49
CA ASN A 74 2.02 6.51 -15.57
C ASN A 74 3.25 7.27 -15.05
N GLY A 75 3.05 8.11 -14.05
CA GLY A 75 4.15 8.80 -13.40
C GLY A 75 5.16 7.83 -12.78
N ILE A 76 4.69 6.72 -12.19
CA ILE A 76 5.65 5.78 -11.63
C ILE A 76 6.42 5.08 -12.75
N LYS A 77 5.69 4.59 -13.75
CA LYS A 77 6.30 3.73 -14.77
C LYS A 77 7.27 4.50 -15.68
N THR A 78 7.04 5.79 -15.92
CA THR A 78 7.88 6.54 -16.84
C THR A 78 9.03 7.26 -16.15
N ASN A 79 9.18 7.16 -14.82
CA ASN A 79 10.30 7.80 -14.14
C ASN A 79 11.27 6.76 -13.58
N ASP A 80 12.50 7.19 -13.28
CA ASP A 80 13.56 6.25 -13.00
C ASP A 80 13.42 5.64 -11.61
N ILE A 81 13.00 6.46 -10.63
CA ILE A 81 13.13 6.09 -9.24
C ILE A 81 11.83 6.44 -8.52
N MET A 82 11.44 5.55 -7.61
CA MET A 82 10.25 5.70 -6.78
C MET A 82 10.69 6.18 -5.41
N LEU A 83 10.18 7.36 -5.04
CA LEU A 83 10.46 7.96 -3.76
C LEU A 83 9.21 7.84 -2.90
N GLY A 84 9.39 7.51 -1.63
CA GLY A 84 8.30 7.49 -0.69
C GLY A 84 8.63 8.31 0.55
N VAL A 85 8.07 9.52 0.64
CA VAL A 85 8.13 10.30 1.87
C VAL A 85 7.23 9.62 2.91
N TYR A 86 7.84 9.19 4.00
CA TYR A 86 7.25 8.17 4.86
C TYR A 86 7.25 8.63 6.31
N ILE A 87 6.06 8.70 6.92
CA ILE A 87 5.88 9.04 8.32
C ILE A 87 5.49 7.76 9.08
N PRO A 88 6.40 7.16 9.87
CA PRO A 88 6.15 5.93 10.62
C PRO A 88 4.85 5.89 11.43
N ASP A 89 4.47 7.02 12.04
CA ASP A 89 3.28 7.14 12.86
C ASP A 89 2.04 7.40 12.01
N GLU A 90 2.22 7.83 10.75
CA GLU A 90 1.11 8.25 9.90
C GLU A 90 1.33 7.69 8.51
N GLU A 91 1.32 6.36 8.42
CA GLU A 91 1.64 5.68 7.17
C GLU A 91 0.42 5.76 6.24
N ASP A 92 0.68 5.80 4.94
CA ASP A 92 -0.33 6.12 3.94
C ASP A 92 -0.61 4.92 3.02
N VAL A 93 -1.88 4.48 3.01
CA VAL A 93 -2.28 3.31 2.23
C VAL A 93 -2.00 3.56 0.73
N GLY A 94 -2.19 4.80 0.27
CA GLY A 94 -2.00 5.12 -1.14
C GLY A 94 -0.54 4.94 -1.56
N LEU A 95 0.37 5.50 -0.75
CA LEU A 95 1.79 5.34 -0.98
C LEU A 95 2.13 3.84 -0.95
N GLY A 96 1.56 3.11 -0.02
CA GLY A 96 1.83 1.69 0.06
C GLY A 96 1.52 1.00 -1.27
N MET A 97 0.35 1.30 -1.84
CA MET A 97 -0.06 0.66 -3.09
C MET A 97 0.99 0.97 -4.15
N GLU A 98 1.39 2.23 -4.18
CA GLU A 98 2.36 2.71 -5.16
C GLU A 98 3.72 2.03 -5.01
N LEU A 99 4.12 1.72 -3.76
CA LEU A 99 5.37 1.00 -3.52
C LEU A 99 5.30 -0.35 -4.22
N GLY A 100 4.16 -1.03 -4.05
CA GLY A 100 3.91 -2.30 -4.70
C GLY A 100 3.93 -2.18 -6.21
N TYR A 101 3.30 -1.14 -6.75
CA TYR A 101 3.30 -0.94 -8.19
C TYR A 101 4.72 -0.71 -8.70
N ALA A 102 5.47 0.16 -8.01
CA ALA A 102 6.83 0.47 -8.39
C ALA A 102 7.71 -0.79 -8.43
N LEU A 103 7.54 -1.65 -7.42
CA LEU A 103 8.23 -2.92 -7.39
C LEU A 103 7.91 -3.70 -8.67
N SER A 104 6.63 -3.76 -9.03
CA SER A 104 6.21 -4.45 -10.29
C SER A 104 6.88 -3.82 -11.51
N GLN A 105 7.20 -2.53 -11.47
CA GLN A 105 7.74 -1.85 -12.66
C GLN A 105 9.28 -1.86 -12.62
N GLY A 106 9.85 -2.59 -11.67
CA GLY A 106 11.30 -2.70 -11.63
C GLY A 106 12.04 -1.43 -11.21
N LYS A 107 11.40 -0.54 -10.45
CA LYS A 107 12.00 0.72 -10.02
C LYS A 107 12.67 0.56 -8.66
N TYR A 108 13.76 1.31 -8.47
CA TYR A 108 14.35 1.46 -7.15
C TYR A 108 13.36 2.17 -6.23
N VAL A 109 13.17 1.61 -5.03
CA VAL A 109 12.18 2.11 -4.09
C VAL A 109 12.91 2.64 -2.87
N LEU A 110 12.96 3.98 -2.75
CA LEU A 110 13.65 4.72 -1.70
C LEU A 110 12.62 5.37 -0.78
N LEU A 111 12.60 4.96 0.49
CA LEU A 111 11.82 5.66 1.49
C LEU A 111 12.72 6.67 2.20
N VAL A 112 12.13 7.84 2.48
CA VAL A 112 12.81 8.89 3.19
C VAL A 112 11.92 9.33 4.37
N ILE A 113 12.50 9.28 5.56
CA ILE A 113 11.82 9.52 6.82
C ILE A 113 12.43 10.73 7.47
N PRO A 114 11.60 11.67 7.99
CA PRO A 114 12.11 12.77 8.80
C PRO A 114 13.13 12.32 9.84
N ASP A 115 14.17 13.14 10.04
CA ASP A 115 15.26 12.82 10.97
C ASP A 115 14.70 12.54 12.37
N GLU A 116 13.72 13.36 12.78
CA GLU A 116 13.12 13.22 14.10
C GLU A 116 12.42 11.86 14.25
N ASP A 117 12.08 11.20 13.13
CA ASP A 117 11.36 9.93 13.20
C ASP A 117 12.20 8.73 12.76
N TYR A 118 13.37 8.98 12.13
CA TYR A 118 14.20 7.92 11.57
C TYR A 118 14.59 6.97 12.69
N GLY A 119 14.45 5.65 12.45
CA GLY A 119 14.77 4.65 13.45
C GLY A 119 13.52 4.04 14.10
N LYS A 120 12.37 4.72 13.95
CA LYS A 120 11.14 4.23 14.57
C LYS A 120 10.62 3.05 13.77
N PRO A 121 9.79 2.16 14.37
CA PRO A 121 9.30 1.01 13.64
C PRO A 121 8.47 1.40 12.43
N ILE A 122 8.58 0.64 11.32
CA ILE A 122 7.69 0.79 10.18
C ILE A 122 7.03 -0.55 9.86
N ASN A 123 5.95 -0.52 9.07
CA ASN A 123 5.26 -1.72 8.63
C ASN A 123 6.20 -2.69 7.93
N LEU A 124 6.07 -3.96 8.28
CA LEU A 124 6.82 -5.04 7.67
C LEU A 124 6.90 -4.91 6.15
N MET A 125 5.74 -4.69 5.54
CA MET A 125 5.60 -4.77 4.10
C MET A 125 6.27 -3.56 3.45
N SER A 126 6.27 -2.41 4.13
CA SER A 126 7.03 -1.25 3.69
C SER A 126 8.52 -1.54 3.80
N TRP A 127 8.94 -2.09 4.94
CA TRP A 127 10.31 -2.51 5.16
C TRP A 127 10.77 -3.42 4.02
N GLY A 128 9.93 -4.38 3.61
CA GLY A 128 10.30 -5.34 2.59
C GLY A 128 10.28 -4.79 1.15
N VAL A 129 9.24 -4.04 0.76
CA VAL A 129 9.21 -3.54 -0.62
C VAL A 129 10.39 -2.59 -0.83
N SER A 130 10.75 -1.84 0.20
CA SER A 130 11.76 -0.82 0.03
C SER A 130 13.09 -1.52 -0.29
N ASP A 131 13.83 -0.91 -1.20
CA ASP A 131 15.23 -1.26 -1.48
C ASP A 131 16.17 -0.60 -0.47
N ASN A 132 15.73 0.51 0.14
CA ASN A 132 16.60 1.30 1.01
C ASN A 132 15.74 2.36 1.71
N VAL A 133 16.20 2.82 2.90
CA VAL A 133 15.55 3.92 3.60
C VAL A 133 16.56 4.85 4.28
N ILE A 134 16.32 6.16 4.13
CA ILE A 134 17.23 7.20 4.56
C ILE A 134 16.52 8.28 5.37
N LYS A 135 17.32 9.15 6.03
CA LYS A 135 16.83 10.30 6.78
C LYS A 135 16.61 11.43 5.80
N MET A 136 15.66 12.32 6.09
CA MET A 136 15.39 13.47 5.23
C MET A 136 16.69 14.21 4.93
N SER A 137 17.56 14.38 5.93
CA SER A 137 18.75 15.19 5.77
C SER A 137 19.77 14.53 4.82
N GLN A 138 19.57 13.28 4.42
CA GLN A 138 20.44 12.61 3.46
C GLN A 138 19.95 12.76 2.00
N LEU A 139 18.71 13.19 1.80
CA LEU A 139 18.11 13.16 0.47
C LEU A 139 18.83 14.12 -0.49
N LYS A 140 19.25 15.29 0.00
CA LYS A 140 19.91 16.28 -0.85
C LYS A 140 21.22 15.75 -1.45
N ASP A 141 21.86 14.75 -0.83
CA ASP A 141 23.16 14.29 -1.29
C ASP A 141 23.19 12.86 -1.81
N PHE A 142 22.03 12.18 -1.81
CA PHE A 142 21.97 10.79 -2.20
C PHE A 142 22.34 10.62 -3.68
N ASN A 143 23.21 9.66 -3.98
CA ASN A 143 23.62 9.41 -5.34
C ASN A 143 22.64 8.47 -6.04
N PHE A 144 21.72 9.07 -6.80
CA PHE A 144 20.70 8.29 -7.48
C PHE A 144 21.25 7.54 -8.70
N ASN A 145 22.51 7.77 -9.07
CA ASN A 145 23.12 7.04 -10.19
C ASN A 145 23.70 5.70 -9.75
N LYS A 146 23.93 5.54 -8.44
CA LYS A 146 24.48 4.31 -7.91
C LYS A 146 23.57 3.82 -6.77
N PRO A 147 22.27 3.56 -7.04
CA PRO A 147 21.34 3.17 -6.00
C PRO A 147 21.58 1.73 -5.55
N ARG A 148 21.63 1.50 -4.25
CA ARG A 148 21.97 0.19 -3.71
C ARG A 148 20.92 -0.23 -2.67
N PHE A 149 20.86 -1.54 -2.45
CA PHE A 149 20.00 -2.15 -1.46
C PHE A 149 20.65 -2.03 -0.08
N ASP A 150 19.84 -1.66 0.92
CA ASP A 150 20.25 -1.73 2.32
C ASP A 150 19.02 -1.95 3.19
N PHE A 151 19.27 -2.48 4.40
CA PHE A 151 18.25 -2.66 5.40
C PHE A 151 18.11 -1.39 6.22
N TYR A 152 16.86 -1.07 6.55
CA TYR A 152 16.54 0.02 7.45
C TYR A 152 17.25 -0.22 8.79
N GLU A 153 17.87 0.84 9.33
CA GLU A 153 18.42 0.85 10.67
C GLU A 153 17.28 1.16 11.64
N GLY A 154 16.45 0.16 11.93
CA GLY A 154 15.17 0.38 12.58
C GLY A 154 14.32 -0.89 12.63
N ALA A 155 13.27 -0.86 13.44
CA ALA A 155 12.48 -2.06 13.63
C ALA A 155 11.29 -2.08 12.66
N VAL A 156 10.65 -3.24 12.57
CA VAL A 156 9.32 -3.31 11.99
C VAL A 156 8.31 -3.59 13.09
N TYR A 157 7.02 -3.38 12.77
CA TYR A 157 5.91 -3.90 13.55
C TYR A 157 5.08 -4.86 12.65
N MET B 1 -19.00 -27.93 -7.80
CA MET B 1 -18.65 -26.52 -7.47
C MET B 1 -17.13 -26.39 -7.42
N PRO B 2 -16.49 -25.70 -8.39
CA PRO B 2 -15.10 -25.30 -8.25
C PRO B 2 -14.90 -24.29 -7.11
N LYS B 3 -13.73 -24.36 -6.47
CA LYS B 3 -13.41 -23.51 -5.35
C LYS B 3 -12.10 -22.80 -5.67
N LYS B 4 -11.99 -21.54 -5.22
CA LYS B 4 -10.79 -20.75 -5.32
C LYS B 4 -10.21 -20.53 -3.91
N THR B 5 -8.88 -20.36 -3.83
CA THR B 5 -8.21 -19.98 -2.59
C THR B 5 -7.98 -18.46 -2.61
N ILE B 6 -7.85 -17.88 -1.42
CA ILE B 6 -7.62 -16.45 -1.22
C ILE B 6 -6.41 -16.23 -0.32
N PHE B 7 -5.87 -15.01 -0.41
CA PHE B 7 -4.97 -14.49 0.61
C PHE B 7 -5.83 -13.58 1.48
N PHE B 8 -5.77 -13.80 2.80
CA PHE B 8 -6.58 -13.05 3.73
C PHE B 8 -5.84 -11.79 4.14
N GLY B 9 -6.01 -10.72 3.36
CA GLY B 9 -5.42 -9.43 3.70
C GLY B 9 -6.29 -8.67 4.69
N ALA B 10 -5.75 -8.45 5.89
CA ALA B 10 -6.50 -7.81 6.97
C ALA B 10 -5.59 -7.52 8.15
N GLY B 11 -5.74 -6.32 8.75
CA GLY B 11 -5.09 -5.97 10.00
C GLY B 11 -5.78 -6.61 11.21
N TRP B 12 -5.07 -6.61 12.36
CA TRP B 12 -5.59 -7.18 13.60
C TRP B 12 -5.18 -6.30 14.79
N PHE B 13 -4.99 -4.99 14.57
CA PHE B 13 -4.46 -4.11 15.60
C PHE B 13 -5.62 -3.59 16.47
N THR B 14 -6.63 -2.98 15.81
CA THR B 14 -7.67 -2.17 16.44
C THR B 14 -8.94 -3.01 16.65
N ASP B 15 -9.92 -2.46 17.40
CA ASP B 15 -11.18 -3.16 17.62
C ASP B 15 -11.97 -3.27 16.33
N ARG B 16 -11.92 -2.23 15.48
CA ARG B 16 -12.65 -2.28 14.23
C ARG B 16 -12.01 -3.29 13.26
N GLN B 17 -10.67 -3.41 13.30
CA GLN B 17 -10.02 -4.40 12.46
C GLN B 17 -10.45 -5.79 12.88
N ASN B 18 -10.46 -6.04 14.19
CA ASN B 18 -10.67 -7.38 14.72
C ASN B 18 -12.11 -7.80 14.46
N LYS B 19 -13.02 -6.84 14.58
CA LYS B 19 -14.42 -7.14 14.34
C LYS B 19 -14.62 -7.53 12.86
N ALA B 20 -14.06 -6.72 11.95
CA ALA B 20 -14.18 -6.98 10.52
C ALA B 20 -13.50 -8.29 10.14
N TYR B 21 -12.33 -8.55 10.75
CA TYR B 21 -11.61 -9.81 10.56
C TYR B 21 -12.53 -11.00 10.85
N LYS B 22 -13.16 -11.01 12.04
CA LYS B 22 -13.99 -12.13 12.48
C LYS B 22 -15.16 -12.29 11.50
N GLU B 23 -15.77 -11.17 11.11
CA GLU B 23 -16.92 -11.21 10.21
C GLU B 23 -16.53 -11.75 8.84
N ALA B 24 -15.41 -11.27 8.28
CA ALA B 24 -15.00 -11.70 6.95
C ALA B 24 -14.68 -13.20 6.97
N MET B 25 -14.00 -13.64 8.02
CA MET B 25 -13.66 -15.06 8.15
C MET B 25 -14.94 -15.91 8.19
N GLU B 26 -15.96 -15.48 8.93
CA GLU B 26 -17.22 -16.21 9.02
C GLU B 26 -17.90 -16.29 7.66
N ALA B 27 -17.90 -15.17 6.91
CA ALA B 27 -18.49 -15.16 5.57
C ALA B 27 -17.78 -16.13 4.62
N LEU B 28 -16.44 -16.17 4.66
CA LEU B 28 -15.70 -17.10 3.83
C LEU B 28 -16.00 -18.56 4.20
N LYS B 29 -16.24 -18.84 5.48
CA LYS B 29 -16.59 -20.18 5.95
C LYS B 29 -17.91 -20.64 5.31
N GLU B 30 -18.80 -19.69 5.02
CA GLU B 30 -20.12 -19.96 4.46
C GLU B 30 -20.12 -19.93 2.93
N ASN B 31 -19.02 -19.49 2.28
CA ASN B 31 -19.06 -19.27 0.85
C ASN B 31 -18.63 -20.55 0.14
N PRO B 32 -19.51 -21.18 -0.65
CA PRO B 32 -19.19 -22.47 -1.26
C PRO B 32 -18.15 -22.40 -2.39
N THR B 33 -17.79 -21.17 -2.83
CA THR B 33 -16.80 -21.02 -3.88
C THR B 33 -15.39 -20.79 -3.32
N ILE B 34 -15.23 -20.84 -1.99
CA ILE B 34 -13.93 -20.63 -1.36
C ILE B 34 -13.45 -21.92 -0.69
N ASP B 35 -12.18 -22.26 -0.95
CA ASP B 35 -11.46 -23.28 -0.20
C ASP B 35 -10.63 -22.58 0.85
N LEU B 36 -11.21 -22.37 2.04
CA LEU B 36 -10.54 -21.67 3.12
C LEU B 36 -9.39 -22.49 3.69
N GLU B 37 -9.54 -23.80 3.73
CA GLU B 37 -8.51 -24.65 4.31
C GLU B 37 -7.17 -24.38 3.63
N ASN B 38 -7.16 -24.23 2.29
CA ASN B 38 -5.92 -24.13 1.53
C ASN B 38 -5.58 -22.66 1.22
N SER B 39 -6.31 -21.73 1.86
CA SER B 39 -6.06 -20.31 1.71
C SER B 39 -4.97 -19.91 2.69
N TYR B 40 -4.36 -18.74 2.45
CA TYR B 40 -3.25 -18.25 3.24
C TYR B 40 -3.78 -17.16 4.19
N VAL B 41 -3.69 -17.46 5.49
CA VAL B 41 -4.13 -16.58 6.55
C VAL B 41 -2.88 -16.19 7.33
N PRO B 42 -2.35 -14.97 7.16
CA PRO B 42 -1.10 -14.59 7.81
C PRO B 42 -1.03 -14.92 9.31
N LEU B 43 -2.12 -14.72 10.05
CA LEU B 43 -2.07 -14.83 11.50
C LEU B 43 -1.84 -16.28 11.92
N ASP B 44 -2.18 -17.24 11.05
CA ASP B 44 -1.98 -18.66 11.32
C ASP B 44 -0.65 -19.15 10.75
N ASN B 45 0.19 -18.27 10.23
CA ASN B 45 1.38 -18.72 9.53
C ASN B 45 2.61 -17.99 10.06
N GLN B 46 2.67 -17.79 11.40
CA GLN B 46 3.81 -17.15 12.03
C GLN B 46 5.08 -17.99 11.81
N TYR B 47 6.14 -17.38 11.24
CA TYR B 47 7.38 -18.08 10.92
C TYR B 47 7.96 -18.77 12.15
N LYS B 48 8.32 -20.05 11.97
CA LYS B 48 8.99 -20.90 12.96
C LYS B 48 8.18 -20.96 14.27
N GLY B 49 6.85 -20.80 14.17
CA GLY B 49 6.05 -20.66 15.38
C GLY B 49 6.16 -19.24 15.93
N ILE B 50 7.30 -18.90 16.54
CA ILE B 50 7.57 -17.58 17.13
C ILE B 50 6.39 -16.61 16.96
N ARG B 51 5.71 -16.29 18.07
CA ARG B 51 4.66 -15.27 18.08
C ARG B 51 5.29 -13.96 18.58
N VAL B 52 5.15 -12.90 17.76
CA VAL B 52 5.84 -11.64 18.04
C VAL B 52 5.16 -10.93 19.21
N ASP B 53 3.88 -11.22 19.43
CA ASP B 53 3.13 -10.78 20.60
C ASP B 53 3.96 -11.11 21.84
N GLU B 54 4.38 -12.38 21.93
CA GLU B 54 5.06 -12.92 23.10
C GLU B 54 6.57 -12.67 23.07
N HIS B 55 7.18 -12.42 21.89
CA HIS B 55 8.61 -12.21 21.80
C HIS B 55 8.93 -11.04 20.87
N PRO B 56 8.72 -9.79 21.32
CA PRO B 56 8.93 -8.60 20.49
C PRO B 56 10.38 -8.32 20.09
N GLU B 57 11.33 -9.06 20.66
CA GLU B 57 12.73 -8.90 20.25
C GLU B 57 12.86 -9.32 18.77
N TYR B 58 11.95 -10.16 18.28
CA TYR B 58 12.02 -10.59 16.89
C TYR B 58 11.73 -9.43 15.92
N LEU B 59 11.20 -8.31 16.41
CA LEU B 59 10.89 -7.20 15.52
C LEU B 59 12.16 -6.49 15.04
N HIS B 60 13.31 -6.73 15.67
CA HIS B 60 14.58 -6.18 15.20
C HIS B 60 15.46 -7.24 14.50
N ASP B 61 14.95 -8.46 14.36
CA ASP B 61 15.60 -9.57 13.68
C ASP B 61 15.31 -9.50 12.19
N LYS B 62 16.38 -9.39 11.38
CA LYS B 62 16.26 -9.21 9.94
C LYS B 62 15.80 -10.49 9.23
N VAL B 63 16.15 -11.64 9.82
CA VAL B 63 15.82 -12.94 9.26
C VAL B 63 14.33 -13.22 9.46
N TRP B 64 13.81 -12.98 10.67
CA TRP B 64 12.39 -13.08 10.96
C TRP B 64 11.58 -12.22 10.00
N ALA B 65 12.02 -10.96 9.83
CA ALA B 65 11.34 -10.02 8.95
C ALA B 65 11.38 -10.48 7.49
N THR B 66 12.55 -10.93 7.02
CA THR B 66 12.68 -11.36 5.65
C THR B 66 11.70 -12.50 5.41
N ALA B 67 11.73 -13.51 6.30
CA ALA B 67 10.90 -14.71 6.15
C ALA B 67 9.41 -14.37 6.22
N THR B 68 9.01 -13.49 7.15
CA THR B 68 7.60 -13.16 7.29
C THR B 68 7.16 -12.37 6.06
N TYR B 69 7.99 -11.43 5.60
CA TYR B 69 7.65 -10.63 4.43
C TYR B 69 7.46 -11.57 3.24
N ASN B 70 8.40 -12.48 3.07
CA ASN B 70 8.39 -13.37 1.93
C ASN B 70 7.22 -14.33 2.02
N ASN B 71 6.85 -14.76 3.23
CA ASN B 71 5.74 -15.70 3.40
C ASN B 71 4.46 -15.03 2.92
N ASN B 72 4.29 -13.74 3.23
CA ASN B 72 3.13 -12.99 2.78
C ASN B 72 3.08 -12.88 1.25
N LEU B 73 4.19 -12.53 0.61
CA LEU B 73 4.22 -12.43 -0.83
C LEU B 73 3.90 -13.78 -1.42
N ASN B 74 4.47 -14.82 -0.84
CA ASN B 74 4.25 -16.19 -1.30
C ASN B 74 2.78 -16.57 -1.19
N GLY B 75 2.15 -16.20 -0.07
CA GLY B 75 0.74 -16.46 0.12
C GLY B 75 -0.11 -15.72 -0.90
N ILE B 76 0.28 -14.50 -1.28
CA ILE B 76 -0.48 -13.82 -2.33
C ILE B 76 -0.31 -14.52 -3.68
N LYS B 77 0.96 -14.79 -4.06
CA LYS B 77 1.26 -15.23 -5.42
C LYS B 77 0.78 -16.67 -5.66
N THR B 78 0.70 -17.53 -4.64
CA THR B 78 0.31 -18.91 -4.85
C THR B 78 -1.19 -19.11 -4.68
N ASN B 79 -1.98 -18.09 -4.33
CA ASN B 79 -3.43 -18.26 -4.21
C ASN B 79 -4.18 -17.53 -5.32
N ASP B 80 -5.47 -17.84 -5.48
CA ASP B 80 -6.20 -17.43 -6.66
C ASP B 80 -6.59 -15.95 -6.57
N ILE B 81 -7.00 -15.52 -5.38
CA ILE B 81 -7.70 -14.27 -5.23
C ILE B 81 -7.09 -13.51 -4.05
N MET B 82 -6.99 -12.19 -4.21
CA MET B 82 -6.53 -11.30 -3.15
C MET B 82 -7.74 -10.63 -2.51
N LEU B 83 -7.91 -10.87 -1.20
CA LEU B 83 -8.94 -10.25 -0.40
C LEU B 83 -8.33 -9.18 0.48
N GLY B 84 -8.97 -8.02 0.53
CA GLY B 84 -8.54 -6.96 1.43
C GLY B 84 -9.70 -6.51 2.32
N VAL B 85 -9.64 -6.91 3.60
CA VAL B 85 -10.60 -6.41 4.57
C VAL B 85 -10.22 -4.96 4.89
N TYR B 86 -11.07 -4.00 4.51
CA TYR B 86 -10.68 -2.60 4.38
C TYR B 86 -11.54 -1.72 5.29
N ILE B 87 -10.88 -0.99 6.20
CA ILE B 87 -11.54 -0.08 7.12
C ILE B 87 -11.22 1.35 6.71
N PRO B 88 -12.18 2.09 6.10
CA PRO B 88 -11.94 3.43 5.60
C PRO B 88 -11.32 4.43 6.57
N ASP B 89 -11.69 4.32 7.84
CA ASP B 89 -11.15 5.21 8.88
C ASP B 89 -9.77 4.76 9.36
N GLU B 90 -9.39 3.50 9.09
CA GLU B 90 -8.14 2.92 9.59
C GLU B 90 -7.42 2.23 8.43
N GLU B 91 -7.02 3.02 7.42
CA GLU B 91 -6.40 2.45 6.24
C GLU B 91 -4.96 2.02 6.54
N ASP B 92 -4.50 0.94 5.92
CA ASP B 92 -3.30 0.23 6.32
C ASP B 92 -2.27 0.22 5.17
N VAL B 93 -1.10 0.79 5.44
CA VAL B 93 -0.02 0.86 4.44
C VAL B 93 0.38 -0.54 3.99
N GLY B 94 0.40 -1.49 4.92
CA GLY B 94 0.82 -2.85 4.59
C GLY B 94 -0.15 -3.51 3.63
N LEU B 95 -1.46 -3.38 3.91
CA LEU B 95 -2.49 -3.90 3.02
C LEU B 95 -2.32 -3.25 1.65
N GLY B 96 -2.09 -1.94 1.66
CA GLY B 96 -1.88 -1.21 0.40
C GLY B 96 -0.79 -1.87 -0.43
N MET B 97 0.36 -2.15 0.18
CA MET B 97 1.49 -2.74 -0.52
C MET B 97 1.06 -4.06 -1.14
N GLU B 98 0.36 -4.84 -0.34
CA GLU B 98 -0.09 -6.16 -0.76
C GLU B 98 -1.06 -6.09 -1.95
N LEU B 99 -1.94 -5.08 -1.95
CA LEU B 99 -2.85 -4.86 -3.08
C LEU B 99 -2.04 -4.63 -4.35
N GLY B 100 -1.03 -3.76 -4.27
CA GLY B 100 -0.19 -3.49 -5.42
C GLY B 100 0.59 -4.73 -5.87
N TYR B 101 1.11 -5.52 -4.93
CA TYR B 101 1.73 -6.78 -5.28
C TYR B 101 0.73 -7.71 -6.00
N ALA B 102 -0.45 -7.87 -5.43
CA ALA B 102 -1.46 -8.76 -6.00
C ALA B 102 -1.82 -8.37 -7.43
N LEU B 103 -1.97 -7.06 -7.64
CA LEU B 103 -2.23 -6.52 -8.97
C LEU B 103 -1.13 -6.99 -9.92
N SER B 104 0.13 -6.80 -9.52
CA SER B 104 1.23 -7.17 -10.39
C SER B 104 1.22 -8.68 -10.63
N GLN B 105 0.67 -9.47 -9.71
CA GLN B 105 0.72 -10.92 -9.87
C GLN B 105 -0.50 -11.42 -10.64
N GLY B 106 -1.32 -10.52 -11.19
CA GLY B 106 -2.43 -10.90 -12.05
C GLY B 106 -3.64 -11.46 -11.28
N LYS B 107 -3.76 -11.18 -9.98
CA LYS B 107 -4.85 -11.69 -9.17
C LYS B 107 -6.03 -10.70 -9.18
N TYR B 108 -7.23 -11.24 -9.03
CA TYR B 108 -8.41 -10.44 -8.73
C TYR B 108 -8.27 -9.84 -7.34
N VAL B 109 -8.53 -8.55 -7.25
CA VAL B 109 -8.33 -7.80 -6.03
C VAL B 109 -9.68 -7.31 -5.55
N LEU B 110 -10.16 -7.95 -4.47
CA LEU B 110 -11.46 -7.69 -3.88
C LEU B 110 -11.29 -7.03 -2.53
N LEU B 111 -11.77 -5.78 -2.40
CA LEU B 111 -11.90 -5.16 -1.10
C LEU B 111 -13.29 -5.43 -0.52
N VAL B 112 -13.33 -5.68 0.80
CA VAL B 112 -14.55 -5.88 1.55
C VAL B 112 -14.60 -4.88 2.70
N ILE B 113 -15.66 -4.07 2.75
CA ILE B 113 -15.81 -3.03 3.75
C ILE B 113 -17.03 -3.34 4.62
N PRO B 114 -16.92 -3.21 5.95
CA PRO B 114 -18.08 -3.30 6.83
C PRO B 114 -19.28 -2.49 6.34
N ASP B 115 -20.48 -3.05 6.48
CA ASP B 115 -21.69 -2.41 5.96
C ASP B 115 -21.84 -1.03 6.59
N GLU B 116 -21.55 -0.92 7.88
CA GLU B 116 -21.65 0.36 8.59
C GLU B 116 -20.69 1.40 8.01
N ASP B 117 -19.66 0.95 7.27
CA ASP B 117 -18.64 1.84 6.75
C ASP B 117 -18.74 2.03 5.24
N TYR B 118 -19.48 1.14 4.55
CA TYR B 118 -19.53 1.19 3.10
C TYR B 118 -20.12 2.53 2.64
N GLY B 119 -19.35 3.25 1.82
CA GLY B 119 -19.74 4.56 1.30
C GLY B 119 -18.78 5.66 1.75
N LYS B 120 -18.03 5.39 2.83
CA LYS B 120 -17.07 6.34 3.36
C LYS B 120 -15.86 6.47 2.42
N PRO B 121 -15.18 7.62 2.45
CA PRO B 121 -14.09 7.86 1.51
C PRO B 121 -12.96 6.87 1.69
N ILE B 122 -12.39 6.42 0.57
CA ILE B 122 -11.16 5.63 0.56
C ILE B 122 -10.17 6.29 -0.40
N ASN B 123 -8.91 6.00 -0.16
CA ASN B 123 -7.81 6.53 -0.95
C ASN B 123 -7.99 6.22 -2.43
N LEU B 124 -7.68 7.18 -3.29
CA LEU B 124 -7.73 7.01 -4.73
C LEU B 124 -7.05 5.72 -5.17
N MET B 125 -5.87 5.43 -4.60
CA MET B 125 -5.05 4.35 -5.11
C MET B 125 -5.66 3.02 -4.68
N SER B 126 -6.32 2.99 -3.51
CA SER B 126 -7.08 1.80 -3.10
C SER B 126 -8.27 1.58 -4.04
N TRP B 127 -9.01 2.68 -4.30
CA TRP B 127 -10.07 2.67 -5.27
C TRP B 127 -9.61 2.11 -6.62
N GLY B 128 -8.45 2.56 -7.10
CA GLY B 128 -7.91 2.13 -8.40
C GLY B 128 -7.34 0.70 -8.43
N VAL B 129 -6.56 0.24 -7.43
CA VAL B 129 -6.02 -1.11 -7.51
C VAL B 129 -7.17 -2.13 -7.55
N SER B 130 -8.24 -1.80 -6.84
CA SER B 130 -9.31 -2.76 -6.66
C SER B 130 -9.95 -3.05 -8.01
N ASP B 131 -10.25 -4.33 -8.23
CA ASP B 131 -11.13 -4.78 -9.29
C ASP B 131 -12.60 -4.66 -8.87
N ASN B 132 -12.87 -4.61 -7.56
CA ASN B 132 -14.25 -4.54 -7.07
C ASN B 132 -14.20 -4.22 -5.59
N VAL B 133 -15.22 -3.52 -5.09
CA VAL B 133 -15.37 -3.42 -3.63
C VAL B 133 -16.83 -3.63 -3.20
N ILE B 134 -16.96 -4.51 -2.20
CA ILE B 134 -18.26 -4.96 -1.75
C ILE B 134 -18.44 -4.71 -0.24
N LYS B 135 -19.68 -4.85 0.22
CA LYS B 135 -19.98 -4.77 1.64
C LYS B 135 -19.77 -6.14 2.27
N MET B 136 -19.48 -6.14 3.56
CA MET B 136 -19.23 -7.37 4.31
C MET B 136 -20.37 -8.37 4.11
N SER B 137 -21.61 -7.87 4.08
CA SER B 137 -22.77 -8.75 4.01
C SER B 137 -22.89 -9.45 2.66
N GLN B 138 -22.10 -9.03 1.65
CA GLN B 138 -22.14 -9.68 0.33
C GLN B 138 -21.06 -10.76 0.20
N LEU B 139 -20.16 -10.87 1.18
CA LEU B 139 -19.02 -11.74 1.02
C LEU B 139 -19.45 -13.20 1.01
N LYS B 140 -20.42 -13.58 1.84
CA LYS B 140 -20.75 -15.00 1.99
C LYS B 140 -21.29 -15.59 0.68
N ASP B 141 -21.84 -14.77 -0.20
CA ASP B 141 -22.48 -15.23 -1.43
C ASP B 141 -21.78 -14.76 -2.70
N PHE B 142 -20.60 -14.14 -2.58
CA PHE B 142 -19.86 -13.69 -3.74
C PHE B 142 -19.42 -14.90 -4.56
N ASN B 143 -19.64 -14.84 -5.86
CA ASN B 143 -19.22 -15.95 -6.71
C ASN B 143 -17.76 -15.73 -7.15
N PHE B 144 -16.82 -16.38 -6.48
CA PHE B 144 -15.41 -16.22 -6.79
C PHE B 144 -14.99 -16.90 -8.09
N ASN B 145 -15.89 -17.71 -8.70
CA ASN B 145 -15.60 -18.33 -9.97
C ASN B 145 -15.90 -17.41 -11.14
N LYS B 146 -16.72 -16.37 -10.91
CA LYS B 146 -17.13 -15.44 -11.94
C LYS B 146 -16.89 -14.00 -11.44
N PRO B 147 -15.65 -13.67 -11.01
CA PRO B 147 -15.36 -12.34 -10.50
C PRO B 147 -15.42 -11.28 -11.58
N ARG B 148 -16.00 -10.12 -11.28
CA ARG B 148 -16.17 -9.09 -12.29
C ARG B 148 -15.56 -7.77 -11.82
N PHE B 149 -15.35 -6.86 -12.78
CA PHE B 149 -14.87 -5.54 -12.45
C PHE B 149 -16.06 -4.65 -12.10
N ASP B 150 -15.96 -3.90 -10.99
CA ASP B 150 -16.95 -2.89 -10.69
C ASP B 150 -16.34 -1.77 -9.86
N PHE B 151 -17.06 -0.64 -9.79
CA PHE B 151 -16.60 0.52 -9.06
C PHE B 151 -17.23 0.57 -7.67
N TYR B 152 -16.47 1.00 -6.67
CA TYR B 152 -17.02 1.36 -5.36
C TYR B 152 -18.10 2.43 -5.50
N GLU B 153 -19.25 2.20 -4.86
CA GLU B 153 -20.32 3.18 -4.78
C GLU B 153 -20.08 3.94 -3.47
N GLY B 154 -19.21 4.94 -3.55
CA GLY B 154 -18.65 5.58 -2.39
C GLY B 154 -17.61 6.63 -2.76
N ALA B 155 -17.10 7.34 -1.77
CA ALA B 155 -16.27 8.50 -2.03
C ALA B 155 -14.80 8.10 -2.12
N VAL B 156 -14.01 8.84 -2.89
CA VAL B 156 -12.57 8.72 -2.80
C VAL B 156 -12.03 10.06 -2.29
N TYR B 157 -10.84 10.04 -1.68
CA TYR B 157 -10.07 11.24 -1.39
C TYR B 157 -8.70 11.18 -2.11
#